data_5KH9
#
_entry.id   5KH9
#
_cell.length_a   41.434
_cell.length_b   44.157
_cell.length_c   56.549
_cell.angle_alpha   90.000
_cell.angle_beta   90.000
_cell.angle_gamma   90.000
#
_symmetry.space_group_name_H-M   'P 21 21 21'
#
loop_
_entity.id
_entity.type
_entity.pdbx_description
1 polymer 'Histone deacetylase 6'
2 non-polymer 'ZINC ION'
3 non-polymer 'FORMIC ACID'
4 non-polymer 6-methyl-5-[(4-propan-2-ylphenyl)amino]-2~{H}-1,2,4-triazin-3-one
5 non-polymer 'UNKNOWN ATOM OR ION'
6 non-polymer 'SODIUM ION'
7 water water
#
_entity_poly.entity_id   1
_entity_poly.type   'polypeptide(L)'
_entity_poly.pdbx_seq_one_letter_code
;GSPLPWCPHLVAVCPIPAAGLDVTQPCGDCGTIQENWVCLSCYQVYCGRYINGHMLQHHGNSGHPLVLSYIDLSAWCYYC
QAYVHHQALLDVKNIAHQNKFGEDMPH
;
_entity_poly.pdbx_strand_id   A
#
# COMPACT_ATOMS: atom_id res chain seq x y z
N PRO A 3 -1.73 -7.68 13.75
N PRO A 3 0.20 -7.99 14.73
CA PRO A 3 -1.09 -6.43 13.40
CA PRO A 3 0.19 -6.69 14.05
C PRO A 3 -1.10 -5.45 14.56
C PRO A 3 -0.34 -5.56 14.95
N LEU A 4 -0.33 -4.37 14.45
N LEU A 4 0.04 -4.33 14.65
CA LEU A 4 -0.43 -3.29 15.42
CA LEU A 4 -0.31 -3.19 15.51
C LEU A 4 -1.80 -2.62 15.29
C LEU A 4 -1.75 -2.64 15.32
N PRO A 5 -2.46 -2.26 16.41
CA PRO A 5 -3.76 -1.58 16.29
C PRO A 5 -3.68 -0.10 15.97
N TRP A 6 -2.47 0.47 15.92
CA TRP A 6 -2.25 1.89 15.66
C TRP A 6 -0.78 2.09 15.34
N CYS A 7 -0.45 3.14 14.56
CA CYS A 7 0.94 3.58 14.51
C CYS A 7 0.95 5.10 14.31
N PRO A 8 2.09 5.75 14.61
CA PRO A 8 2.13 7.22 14.51
C PRO A 8 2.13 7.80 13.09
N HIS A 9 2.09 6.94 12.05
CA HIS A 9 2.10 7.40 10.65
C HIS A 9 0.73 7.33 9.97
N LEU A 10 -0.31 6.86 10.67
CA LEU A 10 -1.69 6.88 10.12
C LEU A 10 -2.15 8.27 9.69
N VAL A 11 -1.61 9.31 10.34
CA VAL A 11 -1.88 10.69 9.95
C VAL A 11 -1.53 11.03 8.48
N ALA A 12 -0.66 10.22 7.86
CA ALA A 12 -0.21 10.46 6.47
C ALA A 12 -1.05 9.75 5.43
N VAL A 13 -2.05 8.97 5.85
CA VAL A 13 -3.01 8.28 4.93
C VAL A 13 -3.97 9.34 4.36
N CYS A 14 -4.02 9.41 3.03
CA CYS A 14 -4.76 10.46 2.34
C CYS A 14 -6.06 9.97 1.77
N PRO A 15 -6.95 10.92 1.40
CA PRO A 15 -8.22 10.52 0.83
C PRO A 15 -8.10 9.70 -0.45
N ILE A 16 -8.96 8.71 -0.56
CA ILE A 16 -8.97 7.78 -1.67
C ILE A 16 -9.45 8.49 -2.93
N PRO A 17 -8.72 8.35 -4.02
CA PRO A 17 -9.17 9.01 -5.26
C PRO A 17 -10.62 8.57 -5.65
N ALA A 18 -11.39 9.53 -6.18
CA ALA A 18 -12.72 9.25 -6.73
C ALA A 18 -12.66 8.25 -7.88
N ALA A 19 -11.49 8.13 -8.53
CA ALA A 19 -11.26 7.12 -9.55
C ALA A 19 -11.30 5.68 -8.98
N GLY A 20 -11.09 5.55 -7.67
CA GLY A 20 -11.02 4.26 -7.02
C GLY A 20 -9.65 3.61 -7.18
N LEU A 21 -9.63 2.31 -6.92
CA LEU A 21 -8.40 1.50 -6.97
C LEU A 21 -8.53 0.43 -8.05
N ASP A 22 -7.40 0.10 -8.68
CA ASP A 22 -7.32 -1.00 -9.69
C ASP A 22 -6.25 -1.97 -9.19
N VAL A 23 -6.70 -3.09 -8.61
CA VAL A 23 -5.78 -4.06 -8.02
C VAL A 23 -4.94 -4.79 -9.06
N THR A 24 -5.27 -4.65 -10.37
CA THR A 24 -4.45 -5.23 -11.45
C THR A 24 -3.49 -4.21 -12.07
N GLN A 25 -3.37 -3.02 -11.49
CA GLN A 25 -2.49 -2.01 -12.05
C GLN A 25 -1.03 -2.46 -11.95
N PRO A 26 -0.23 -2.27 -13.01
CA PRO A 26 1.18 -2.69 -12.97
C PRO A 26 2.11 -1.69 -12.22
N CYS A 27 3.32 -2.13 -11.93
CA CYS A 27 4.33 -1.26 -11.30
C CYS A 27 4.62 -0.04 -12.21
N GLY A 28 4.61 1.15 -11.60
CA GLY A 28 4.86 2.38 -12.35
C GLY A 28 6.26 2.55 -12.91
N ASP A 29 7.23 1.79 -12.35
CA ASP A 29 8.62 1.85 -12.81
CA ASP A 29 8.62 1.85 -12.81
C ASP A 29 8.90 0.74 -13.87
N CYS A 30 8.73 -0.55 -13.51
CA CYS A 30 9.15 -1.65 -14.39
C CYS A 30 8.01 -2.35 -15.12
N GLY A 31 6.75 -1.99 -14.84
CA GLY A 31 5.61 -2.61 -15.55
C GLY A 31 5.22 -4.02 -15.13
N THR A 32 5.87 -4.60 -14.10
CA THR A 32 5.48 -5.97 -13.71
C THR A 32 4.02 -6.01 -13.19
N ILE A 33 3.34 -7.12 -13.43
CA ILE A 33 2.02 -7.39 -12.85
C ILE A 33 2.12 -8.11 -11.50
N GLN A 34 3.32 -8.47 -11.06
CA GLN A 34 3.51 -9.29 -9.85
C GLN A 34 3.79 -8.51 -8.56
N GLU A 35 3.14 -8.96 -7.47
N GLU A 35 3.04 -8.90 -7.51
CA GLU A 35 3.45 -8.49 -6.11
CA GLU A 35 3.32 -8.51 -6.15
C GLU A 35 3.39 -6.96 -5.95
C GLU A 35 3.38 -6.98 -5.96
N ASN A 36 2.39 -6.31 -6.53
CA ASN A 36 2.30 -4.83 -6.40
C ASN A 36 1.62 -4.38 -5.12
N TRP A 37 2.00 -3.15 -4.72
CA TRP A 37 1.49 -2.44 -3.56
C TRP A 37 1.01 -1.06 -4.04
N VAL A 38 0.05 -0.47 -3.33
CA VAL A 38 -0.40 0.95 -3.58
C VAL A 38 -0.01 1.80 -2.35
N CYS A 39 0.58 2.98 -2.62
CA CYS A 39 0.96 3.93 -1.55
C CYS A 39 -0.29 4.66 -1.04
N LEU A 40 -0.52 4.65 0.29
CA LEU A 40 -1.71 5.25 0.86
C LEU A 40 -1.59 6.77 1.09
N SER A 41 -0.46 7.37 0.69
CA SER A 41 -0.32 8.84 0.64
C SER A 41 -0.67 9.40 -0.74
N CYS A 42 -0.04 8.90 -1.81
CA CYS A 42 -0.28 9.48 -3.17
C CYS A 42 -0.82 8.49 -4.22
N TYR A 43 -1.10 7.24 -3.82
CA TYR A 43 -1.85 6.29 -4.64
C TYR A 43 -1.15 5.88 -5.94
N GLN A 44 0.19 6.02 -5.96
CA GLN A 44 1.04 5.37 -6.97
C GLN A 44 1.23 3.87 -6.62
N VAL A 45 1.46 3.05 -7.65
CA VAL A 45 1.58 1.58 -7.54
C VAL A 45 2.98 1.15 -7.93
N TYR A 46 3.63 0.34 -7.09
CA TYR A 46 5.00 -0.13 -7.32
C TYR A 46 5.18 -1.55 -6.75
N CYS A 47 6.15 -2.28 -7.31
CA CYS A 47 6.34 -3.71 -6.97
C CYS A 47 7.03 -3.97 -5.62
N GLY A 48 6.80 -5.18 -5.10
CA GLY A 48 7.31 -5.61 -3.81
C GLY A 48 8.76 -6.03 -3.78
N ARG A 49 9.21 -6.31 -2.56
CA ARG A 49 10.60 -6.60 -2.25
C ARG A 49 11.16 -7.86 -2.93
N TYR A 50 10.30 -8.82 -3.28
CA TYR A 50 10.74 -10.05 -3.92
C TYR A 50 10.73 -9.99 -5.45
N ILE A 51 10.26 -8.88 -6.04
CA ILE A 51 10.30 -8.64 -7.49
C ILE A 51 11.50 -7.68 -7.72
N ASN A 52 11.25 -6.40 -7.97
CA ASN A 52 12.33 -5.42 -8.20
C ASN A 52 12.42 -4.32 -7.13
N GLY A 53 11.62 -4.42 -6.06
CA GLY A 53 11.80 -3.52 -4.90
C GLY A 53 11.46 -2.05 -5.16
N HIS A 54 10.58 -1.77 -6.12
CA HIS A 54 10.25 -0.36 -6.44
C HIS A 54 9.41 0.33 -5.37
N MET A 55 8.59 -0.36 -4.60
CA MET A 55 7.86 0.31 -3.52
C MET A 55 8.83 0.74 -2.37
N LEU A 56 9.80 -0.13 -2.05
CA LEU A 56 10.82 0.25 -1.07
CA LEU A 56 10.87 0.24 -1.11
C LEU A 56 11.60 1.51 -1.55
N GLN A 57 11.92 1.54 -2.85
N GLN A 57 11.93 1.55 -2.86
CA GLN A 57 12.60 2.70 -3.46
CA GLN A 57 12.58 2.72 -3.46
C GLN A 57 11.71 3.96 -3.32
C GLN A 57 11.71 3.98 -3.39
N HIS A 58 10.40 3.81 -3.60
CA HIS A 58 9.44 4.93 -3.45
C HIS A 58 9.39 5.42 -2.00
N HIS A 59 9.35 4.52 -1.02
CA HIS A 59 9.43 4.96 0.38
C HIS A 59 10.69 5.79 0.64
N GLY A 60 11.82 5.32 0.12
CA GLY A 60 13.08 6.02 0.35
C GLY A 60 13.11 7.42 -0.24
N ASN A 61 12.53 7.62 -1.45
CA ASN A 61 12.61 8.90 -2.15
C ASN A 61 11.47 9.91 -1.84
N SER A 62 10.42 9.42 -1.15
CA SER A 62 9.28 10.23 -0.77
C SER A 62 9.07 10.37 0.75
N GLY A 63 9.55 9.40 1.53
CA GLY A 63 9.25 9.26 2.94
C GLY A 63 7.84 8.77 3.25
N HIS A 64 7.03 8.39 2.25
CA HIS A 64 5.64 7.98 2.54
C HIS A 64 5.65 6.67 3.34
N PRO A 65 4.85 6.57 4.40
CA PRO A 65 5.02 5.48 5.39
C PRO A 65 4.31 4.15 5.09
N LEU A 66 3.04 4.24 4.63
CA LEU A 66 2.11 3.10 4.65
C LEU A 66 1.67 2.70 3.24
N VAL A 67 1.71 1.38 3.01
CA VAL A 67 1.38 0.79 1.70
C VAL A 67 0.44 -0.41 1.88
N LEU A 68 -0.43 -0.64 0.86
CA LEU A 68 -1.45 -1.70 0.89
C LEU A 68 -1.12 -2.75 -0.20
N SER A 69 -1.11 -4.03 0.19
CA SER A 69 -0.79 -5.11 -0.76
C SER A 69 -1.97 -5.50 -1.64
N TYR A 70 -1.75 -5.56 -2.96
CA TYR A 70 -2.78 -6.08 -3.90
C TYR A 70 -2.85 -7.60 -3.92
N ILE A 71 -1.98 -8.31 -3.19
CA ILE A 71 -2.04 -9.78 -3.04
C ILE A 71 -2.98 -10.13 -1.89
N ASP A 72 -2.75 -9.57 -0.69
CA ASP A 72 -3.49 -10.02 0.51
C ASP A 72 -4.21 -8.92 1.28
N LEU A 73 -4.18 -7.66 0.78
CA LEU A 73 -4.89 -6.53 1.42
C LEU A 73 -4.37 -6.19 2.84
N SER A 74 -3.15 -6.60 3.14
CA SER A 74 -2.43 -6.13 4.34
C SER A 74 -1.84 -4.74 4.14
N ALA A 75 -1.67 -4.02 5.24
CA ALA A 75 -1.04 -2.68 5.26
C ALA A 75 0.26 -2.72 6.07
N TRP A 76 1.36 -2.32 5.44
CA TRP A 76 2.72 -2.33 6.02
C TRP A 76 3.20 -0.89 6.21
N CYS A 77 3.81 -0.61 7.39
CA CYS A 77 4.48 0.67 7.66
C CYS A 77 6.01 0.44 7.56
N TYR A 78 6.67 1.19 6.69
CA TYR A 78 8.13 1.05 6.52
C TYR A 78 8.95 1.65 7.69
N TYR A 79 8.39 2.61 8.43
CA TYR A 79 9.07 3.18 9.63
C TYR A 79 8.98 2.19 10.79
N CYS A 80 7.76 1.73 11.11
CA CYS A 80 7.53 0.79 12.22
C CYS A 80 8.03 -0.63 11.91
N GLN A 81 8.24 -0.94 10.61
N GLN A 81 8.22 -0.98 10.63
CA GLN A 81 8.55 -2.29 10.13
CA GLN A 81 8.60 -2.34 10.25
C GLN A 81 7.59 -3.30 10.74
C GLN A 81 7.57 -3.33 10.77
N ALA A 82 6.30 -3.06 10.49
CA ALA A 82 5.19 -3.87 11.05
C ALA A 82 3.93 -3.68 10.22
N TYR A 83 3.06 -4.68 10.29
CA TYR A 83 1.71 -4.54 9.76
C TYR A 83 0.83 -3.75 10.74
N VAL A 84 -0.12 -2.98 10.20
CA VAL A 84 -1.03 -2.13 10.99
C VAL A 84 -2.48 -2.37 10.56
N HIS A 85 -3.42 -2.44 11.51
CA HIS A 85 -4.86 -2.41 11.15
CA HIS A 85 -4.85 -2.36 11.14
C HIS A 85 -5.54 -1.38 12.08
N HIS A 86 -6.39 -0.56 11.51
CA HIS A 86 -7.07 0.49 12.23
C HIS A 86 -8.30 0.88 11.41
N GLN A 87 -9.28 1.48 12.09
CA GLN A 87 -10.51 1.98 11.46
C GLN A 87 -10.21 2.89 10.26
N ALA A 88 -9.14 3.69 10.35
CA ALA A 88 -8.65 4.59 9.29
C ALA A 88 -8.24 3.90 7.98
N LEU A 89 -8.01 2.60 8.04
CA LEU A 89 -7.66 1.77 6.89
C LEU A 89 -8.84 0.96 6.31
N LEU A 90 -10.00 1.00 6.98
CA LEU A 90 -11.11 0.12 6.51
C LEU A 90 -11.64 0.53 5.17
N ASP A 91 -11.81 1.84 4.91
CA ASP A 91 -12.44 2.23 3.62
CA ASP A 91 -12.41 2.25 3.63
C ASP A 91 -11.56 1.79 2.44
N VAL A 92 -10.25 2.01 2.54
CA VAL A 92 -9.38 1.65 1.42
C VAL A 92 -9.31 0.12 1.23
N LYS A 93 -9.23 -0.63 2.35
CA LYS A 93 -9.23 -2.10 2.25
C LYS A 93 -10.53 -2.61 1.62
N ASN A 94 -11.67 -2.03 2.03
CA ASN A 94 -12.97 -2.48 1.50
C ASN A 94 -13.12 -2.18 0.00
N ILE A 95 -12.67 -1.01 -0.47
CA ILE A 95 -12.69 -0.63 -1.90
C ILE A 95 -11.77 -1.57 -2.68
N ALA A 96 -10.58 -1.87 -2.15
CA ALA A 96 -9.68 -2.83 -2.82
C ALA A 96 -10.31 -4.24 -2.90
N HIS A 97 -10.93 -4.69 -1.80
CA HIS A 97 -11.60 -6.01 -1.77
C HIS A 97 -12.71 -6.10 -2.83
N GLN A 98 -13.51 -5.03 -2.94
CA GLN A 98 -14.61 -4.99 -3.96
C GLN A 98 -14.04 -5.08 -5.39
N ASN A 99 -12.94 -4.37 -5.64
CA ASN A 99 -12.32 -4.42 -6.98
C ASN A 99 -11.71 -5.79 -7.28
N LYS A 100 -11.08 -6.39 -6.27
CA LYS A 100 -10.38 -7.68 -6.46
C LYS A 100 -11.33 -8.88 -6.65
N PHE A 101 -12.37 -8.96 -5.80
CA PHE A 101 -13.22 -10.12 -5.72
C PHE A 101 -14.61 -9.93 -6.34
N GLY A 102 -14.97 -8.71 -6.78
CA GLY A 102 -16.18 -8.51 -7.59
C GLY A 102 -17.17 -7.54 -6.96
#